data_3L0K
#
_entry.id   3L0K
#
_cell.length_a   70.530
_cell.length_b   61.890
_cell.length_c   70.140
_cell.angle_alpha   90.00
_cell.angle_beta   112.54
_cell.angle_gamma   90.00
#
_symmetry.space_group_name_H-M   'P 1 21 1'
#
loop_
_entity.id
_entity.type
_entity.pdbx_description
1 polymer "Uridine 5'-monophosphate synthase"
2 non-polymer "6-acetyluridine 5'-phosphate"
3 non-polymer GLYCEROL
4 water water
#
_entity_poly.entity_id   1
_entity_poly.type   'polypeptide(L)'
_entity_poly.pdbx_seq_one_letter_code
;GAMELSFGARAELPRIHPVASKLLRLMQKKETNLCLSADVSLARELLQLADALGPSICMLKTHVDILNDFTLDVMKELIT
LAKCHEFLIFEDRKFADIGNTVKKQYEGGIFKIASWADLVNAHVVPGSGVVKGLQEVGLPLHRGCLLIAEMSSTGSLATG
DYTRAAVRMAEEHSEFVVGFISGSRVSMKPEFLHLTPGVQLEAGGDNLGQQYNSPQEVIGKRGSDIIIVGRGIISAADRL
EAAEMYRKAAWEAYLSRLGV
;
_entity_poly.pdbx_strand_id   A,B
#
loop_
_chem_comp.id
_chem_comp.type
_chem_comp.name
_chem_comp.formula
6AU non-polymer '6-acetyluridine 5'-phosphate' 'C11 H15 N2 O10 P'
GOL non-polymer GLYCEROL 'C3 H8 O3'
#
# COMPACT_ATOMS: atom_id res chain seq x y z
N MET A 3 19.53 9.24 29.69
CA MET A 3 20.30 10.23 28.87
C MET A 3 20.38 9.77 27.41
N GLU A 4 20.34 10.74 26.50
CA GLU A 4 20.41 10.52 25.05
C GLU A 4 21.76 9.93 24.61
N LEU A 5 21.70 8.87 23.82
CA LEU A 5 22.85 8.12 23.37
C LEU A 5 23.16 8.44 21.91
N SER A 6 24.44 8.37 21.58
CA SER A 6 24.87 8.48 20.19
C SER A 6 24.33 7.31 19.39
N PHE A 7 24.36 7.46 18.07
CA PHE A 7 23.98 6.37 17.20
C PHE A 7 24.85 5.12 17.48
N GLY A 8 26.15 5.32 17.67
CA GLY A 8 27.06 4.18 17.92
C GLY A 8 26.75 3.45 19.21
N ALA A 9 26.34 4.18 20.25
CA ALA A 9 25.95 3.55 21.48
C ALA A 9 24.60 2.86 21.35
N ARG A 10 23.67 3.49 20.64
CA ARG A 10 22.39 2.85 20.37
C ARG A 10 22.56 1.52 19.63
N ALA A 11 23.57 1.44 18.76
CA ALA A 11 23.86 0.23 18.00
C ALA A 11 24.19 -0.96 18.91
N GLU A 12 24.55 -0.67 20.17
CA GLU A 12 24.97 -1.71 21.11
C GLU A 12 23.91 -2.05 22.15
N LEU A 13 22.76 -1.38 22.10
CA LEU A 13 21.73 -1.58 23.12
C LEU A 13 21.34 -3.07 23.17
N PRO A 14 21.05 -3.59 24.38
CA PRO A 14 20.71 -5.00 24.53
C PRO A 14 19.59 -5.48 23.62
N ARG A 15 18.55 -4.67 23.43
CA ARG A 15 17.38 -5.09 22.67
CA ARG A 15 17.36 -5.05 22.68
C ARG A 15 17.42 -4.61 21.22
N ILE A 16 18.55 -4.09 20.77
CA ILE A 16 18.70 -3.64 19.39
C ILE A 16 18.51 -4.80 18.39
N HIS A 17 17.83 -4.52 17.29
CA HIS A 17 17.71 -5.47 16.20
C HIS A 17 18.98 -5.43 15.35
N PRO A 18 19.43 -6.60 14.83
CA PRO A 18 20.66 -6.59 14.03
C PRO A 18 20.68 -5.62 12.85
N VAL A 19 19.55 -5.45 12.18
CA VAL A 19 19.49 -4.56 11.03
C VAL A 19 19.65 -3.10 11.48
N ALA A 20 19.00 -2.77 12.60
CA ALA A 20 19.13 -1.43 13.18
C ALA A 20 20.57 -1.17 13.65
N SER A 21 21.18 -2.19 14.24
CA SER A 21 22.55 -2.06 14.70
C SER A 21 23.49 -1.78 13.54
N LYS A 22 23.34 -2.54 12.46
CA LYS A 22 24.15 -2.36 11.27
C LYS A 22 24.00 -0.93 10.75
N LEU A 23 22.76 -0.47 10.70
CA LEU A 23 22.45 0.88 10.22
C LEU A 23 23.11 1.96 11.11
N LEU A 24 22.87 1.83 12.41
CA LEU A 24 23.41 2.78 13.37
C LEU A 24 24.93 2.86 13.34
N ARG A 25 25.59 1.72 13.21
CA ARG A 25 27.04 1.69 13.10
CA ARG A 25 27.04 1.71 13.11
C ARG A 25 27.54 2.43 11.87
N LEU A 26 26.90 2.20 10.71
CA LEU A 26 27.39 2.87 9.49
C LEU A 26 27.04 4.36 9.47
N MET A 27 25.93 4.74 10.13
CA MET A 27 25.58 6.15 10.30
C MET A 27 26.71 6.89 11.04
N GLN A 28 27.12 6.30 12.16
CA GLN A 28 28.20 6.89 12.96
CA GLN A 28 28.20 6.87 12.97
C GLN A 28 29.52 6.90 12.19
N LYS A 29 29.85 5.79 11.55
CA LYS A 29 31.12 5.68 10.83
C LYS A 29 31.22 6.71 9.71
N LYS A 30 30.13 6.89 8.98
CA LYS A 30 30.12 7.74 7.78
C LYS A 30 29.66 9.18 8.06
N GLU A 31 29.21 9.45 9.28
CA GLU A 31 28.65 10.77 9.64
C GLU A 31 27.50 11.13 8.70
N THR A 32 26.57 10.20 8.59
CA THR A 32 25.37 10.45 7.82
C THR A 32 24.13 9.82 8.41
N ASN A 33 23.10 10.65 8.47
CA ASN A 33 21.76 10.22 8.81
C ASN A 33 20.79 10.68 7.73
N LEU A 34 21.26 10.60 6.48
CA LEU A 34 20.48 10.90 5.29
C LEU A 34 20.10 9.62 4.55
N CYS A 35 18.79 9.48 4.27
CA CYS A 35 18.23 8.45 3.40
C CYS A 35 17.82 9.11 2.09
N LEU A 36 18.43 8.69 0.98
CA LEU A 36 18.05 9.19 -0.32
C LEU A 36 16.77 8.49 -0.78
N SER A 37 15.78 9.25 -1.17
CA SER A 37 14.58 8.71 -1.78
C SER A 37 14.79 8.75 -3.28
N ALA A 38 15.14 7.60 -3.84
CA ALA A 38 15.61 7.52 -5.23
C ALA A 38 14.40 7.36 -6.13
N ASP A 39 13.62 8.42 -6.23
CA ASP A 39 12.34 8.41 -6.91
C ASP A 39 12.52 8.71 -8.38
N VAL A 40 12.99 7.67 -9.08
CA VAL A 40 13.30 7.75 -10.50
C VAL A 40 12.67 6.58 -11.22
N SER A 41 12.54 6.70 -12.53
CA SER A 41 11.85 5.67 -13.31
C SER A 41 12.81 4.83 -14.14
N LEU A 42 14.07 5.26 -14.22
CA LEU A 42 15.12 4.63 -15.04
CA LEU A 42 15.10 4.63 -15.05
C LEU A 42 16.14 3.92 -14.16
N ALA A 43 16.32 2.62 -14.38
CA ALA A 43 17.33 1.84 -13.64
C ALA A 43 18.72 2.46 -13.73
N ARG A 44 19.12 2.93 -14.91
CA ARG A 44 20.44 3.54 -15.04
C ARG A 44 20.58 4.77 -14.12
N GLU A 45 19.54 5.59 -14.00
CA GLU A 45 19.65 6.75 -13.14
C GLU A 45 19.70 6.32 -11.66
N LEU A 46 18.91 5.31 -11.30
CA LEU A 46 18.92 4.77 -9.94
C LEU A 46 20.32 4.34 -9.54
N LEU A 47 20.96 3.60 -10.44
CA LEU A 47 22.28 3.06 -10.14
C LEU A 47 23.35 4.16 -10.16
N GLN A 48 23.26 5.12 -11.09
CA GLN A 48 24.22 6.23 -11.10
C GLN A 48 24.09 7.08 -9.82
N LEU A 49 22.87 7.28 -9.37
CA LEU A 49 22.63 7.99 -8.11
C LEU A 49 23.18 7.21 -6.91
N ALA A 50 22.86 5.91 -6.84
CA ALA A 50 23.35 5.05 -5.76
C ALA A 50 24.88 5.05 -5.66
N ASP A 51 25.55 5.02 -6.82
CA ASP A 51 27.00 4.99 -6.84
C ASP A 51 27.60 6.32 -6.39
N ALA A 52 27.15 7.41 -6.98
CA ALA A 52 27.70 8.74 -6.70
C ALA A 52 27.37 9.22 -5.28
N LEU A 53 26.16 8.92 -4.83
CA LEU A 53 25.67 9.41 -3.53
C LEU A 53 25.85 8.41 -2.40
N GLY A 54 26.20 7.17 -2.73
CA GLY A 54 26.40 6.13 -1.73
C GLY A 54 27.23 6.54 -0.54
N PRO A 55 28.38 7.20 -0.77
CA PRO A 55 29.18 7.62 0.36
C PRO A 55 28.54 8.62 1.31
N SER A 56 27.53 9.34 0.82
CA SER A 56 26.87 10.40 1.57
C SER A 56 25.63 9.95 2.34
N ILE A 57 25.19 8.71 2.13
CA ILE A 57 23.89 8.27 2.63
C ILE A 57 24.02 7.05 3.53
N CYS A 58 23.09 6.92 4.47
CA CYS A 58 23.02 5.72 5.29
C CYS A 58 22.06 4.70 4.70
N MET A 59 21.22 5.13 3.76
CA MET A 59 20.10 4.34 3.28
C MET A 59 19.69 4.89 1.93
N LEU A 60 19.25 3.96 1.06
CA LEU A 60 18.63 4.32 -0.19
C LEU A 60 17.25 3.70 -0.19
N LYS A 61 16.25 4.56 -0.34
CA LYS A 61 14.86 4.16 -0.39
C LYS A 61 14.39 4.08 -1.84
N THR A 62 13.79 2.93 -2.15
CA THR A 62 13.27 2.64 -3.48
C THR A 62 11.75 2.60 -3.51
N HIS A 63 11.21 2.87 -4.71
CA HIS A 63 9.85 2.52 -5.08
C HIS A 63 9.98 1.65 -6.33
N VAL A 64 10.16 0.36 -6.13
CA VAL A 64 10.50 -0.53 -7.24
CA VAL A 64 10.51 -0.49 -7.28
C VAL A 64 9.39 -0.58 -8.28
N ASP A 65 8.18 -0.30 -7.84
CA ASP A 65 7.01 -0.37 -8.70
C ASP A 65 6.85 0.84 -9.62
N ILE A 66 7.77 1.80 -9.55
CA ILE A 66 7.82 2.92 -10.48
CA ILE A 66 7.78 2.89 -10.54
C ILE A 66 8.97 2.78 -11.51
N LEU A 67 9.82 1.77 -11.31
CA LEU A 67 10.93 1.52 -12.24
CA LEU A 67 10.94 1.55 -12.22
C LEU A 67 10.40 0.94 -13.52
N ASN A 68 10.54 1.67 -14.63
CA ASN A 68 10.03 1.19 -15.91
C ASN A 68 10.72 -0.06 -16.39
N ASP A 69 11.97 -0.22 -16.02
CA ASP A 69 12.83 -1.31 -16.48
C ASP A 69 13.40 -2.10 -15.32
N PHE A 70 12.59 -2.29 -14.29
CA PHE A 70 12.92 -3.20 -13.21
C PHE A 70 13.27 -4.58 -13.72
N THR A 71 14.38 -5.11 -13.23
CA THR A 71 14.64 -6.55 -13.22
C THR A 71 15.30 -6.88 -11.90
N LEU A 72 15.34 -8.16 -11.55
CA LEU A 72 16.09 -8.58 -10.38
C LEU A 72 17.59 -8.32 -10.52
N ASP A 73 18.12 -8.33 -11.74
CA ASP A 73 19.52 -7.99 -11.95
CA ASP A 73 19.52 -7.99 -11.92
C ASP A 73 19.83 -6.54 -11.56
N VAL A 74 18.89 -5.64 -11.80
CA VAL A 74 19.07 -4.25 -11.35
C VAL A 74 19.28 -4.22 -9.83
N MET A 75 18.50 -5.03 -9.13
CA MET A 75 18.56 -5.01 -7.66
CA MET A 75 18.56 -5.07 -7.65
C MET A 75 19.88 -5.65 -7.20
N LYS A 76 20.38 -6.64 -7.94
CA LYS A 76 21.71 -7.19 -7.66
C LYS A 76 22.79 -6.12 -7.79
N GLU A 77 22.73 -5.30 -8.84
CA GLU A 77 23.69 -4.20 -9.02
C GLU A 77 23.56 -3.18 -7.88
N LEU A 78 22.33 -2.94 -7.42
CA LEU A 78 22.12 -2.00 -6.32
C LEU A 78 22.72 -2.53 -5.02
N ILE A 79 22.55 -3.83 -4.77
CA ILE A 79 23.15 -4.47 -3.61
C ILE A 79 24.69 -4.35 -3.63
N THR A 80 25.28 -4.55 -4.80
CA THR A 80 26.73 -4.37 -4.93
C THR A 80 27.14 -2.96 -4.45
N LEU A 81 26.40 -1.96 -4.90
CA LEU A 81 26.69 -0.57 -4.51
C LEU A 81 26.44 -0.34 -3.02
N ALA A 82 25.39 -0.95 -2.50
CA ALA A 82 25.06 -0.84 -1.07
C ALA A 82 26.17 -1.41 -0.20
N LYS A 83 26.74 -2.54 -0.63
CA LYS A 83 27.85 -3.18 0.09
C LYS A 83 29.13 -2.38 -0.03
N CYS A 84 29.40 -1.90 -1.24
CA CYS A 84 30.62 -1.12 -1.52
C CYS A 84 30.63 0.16 -0.70
N HIS A 85 29.55 0.92 -0.79
CA HIS A 85 29.48 2.24 -0.13
C HIS A 85 28.93 2.21 1.29
N GLU A 86 28.38 1.07 1.70
CA GLU A 86 27.81 0.85 3.04
C GLU A 86 26.56 1.68 3.29
N PHE A 87 25.47 1.25 2.69
CA PHE A 87 24.14 1.77 3.02
C PHE A 87 23.12 0.65 2.97
N LEU A 88 22.01 0.82 3.67
CA LEU A 88 20.90 -0.14 3.61
CA LEU A 88 20.87 -0.13 3.62
C LEU A 88 19.93 0.20 2.48
N ILE A 89 19.24 -0.82 1.98
CA ILE A 89 18.22 -0.67 0.96
C ILE A 89 16.85 -0.80 1.63
N PHE A 90 16.02 0.21 1.40
CA PHE A 90 14.70 0.29 2.01
C PHE A 90 13.68 0.40 0.89
N GLU A 91 12.86 -0.64 0.69
CA GLU A 91 11.77 -0.59 -0.27
C GLU A 91 10.52 -0.03 0.42
N ASP A 92 10.05 1.09 -0.10
CA ASP A 92 8.95 1.88 0.46
C ASP A 92 7.65 1.38 -0.12
N ARG A 93 7.34 0.13 0.21
CA ARG A 93 6.20 -0.58 -0.37
C ARG A 93 4.88 -0.27 0.37
N LYS A 94 4.95 0.20 1.61
CA LYS A 94 3.76 0.51 2.42
C LYS A 94 2.76 -0.65 2.39
N PHE A 95 3.22 -1.83 2.78
CA PHE A 95 2.31 -2.95 2.91
C PHE A 95 1.15 -2.54 3.79
N ALA A 96 -0.06 -2.94 3.40
CA ALA A 96 -1.25 -2.37 4.02
C ALA A 96 -2.48 -3.25 3.83
N ASP A 97 -2.24 -4.55 3.76
CA ASP A 97 -3.30 -5.52 3.52
C ASP A 97 -3.38 -6.48 4.70
N ILE A 98 -4.29 -7.43 4.62
CA ILE A 98 -4.35 -8.48 5.63
C ILE A 98 -3.06 -9.32 5.61
N GLY A 99 -2.75 -9.92 6.75
CA GLY A 99 -1.50 -10.66 6.91
C GLY A 99 -1.26 -11.73 5.86
N ASN A 100 -2.29 -12.47 5.48
CA ASN A 100 -2.11 -13.56 4.54
C ASN A 100 -1.70 -13.04 3.18
N THR A 101 -2.21 -11.88 2.80
CA THR A 101 -1.88 -11.26 1.53
C THR A 101 -0.49 -10.64 1.52
N VAL A 102 -0.13 -9.89 2.56
CA VAL A 102 1.15 -9.18 2.53
C VAL A 102 2.32 -10.16 2.53
N LYS A 103 2.16 -11.34 3.09
CA LYS A 103 3.30 -12.27 3.06
C LYS A 103 3.72 -12.64 1.64
N LYS A 104 2.73 -12.83 0.77
CA LYS A 104 2.97 -13.11 -0.63
C LYS A 104 3.51 -11.89 -1.40
N GLN A 105 3.01 -10.71 -1.07
CA GLN A 105 3.45 -9.48 -1.70
C GLN A 105 4.90 -9.15 -1.36
N TYR A 106 5.36 -9.62 -0.21
CA TYR A 106 6.71 -9.37 0.29
C TYR A 106 7.73 -10.37 -0.29
N GLU A 107 7.33 -11.63 -0.35
CA GLU A 107 8.25 -12.68 -0.79
C GLU A 107 8.24 -12.93 -2.28
N GLY A 108 7.07 -12.78 -2.90
CA GLY A 108 6.82 -13.34 -4.22
C GLY A 108 6.63 -12.30 -5.30
N GLY A 109 5.85 -12.72 -6.31
CA GLY A 109 5.64 -11.90 -7.45
C GLY A 109 6.90 -11.66 -8.25
N ILE A 110 6.85 -10.66 -9.11
CA ILE A 110 8.02 -10.36 -9.93
CA ILE A 110 7.99 -10.30 -9.97
C ILE A 110 9.08 -9.60 -9.14
N PHE A 111 8.70 -8.88 -8.09
CA PHE A 111 9.68 -8.03 -7.40
C PHE A 111 10.55 -8.77 -6.38
N LYS A 112 10.02 -9.85 -5.81
CA LYS A 112 10.69 -10.60 -4.73
CA LYS A 112 10.71 -10.59 -4.75
C LYS A 112 11.38 -9.64 -3.75
N ILE A 113 10.59 -8.73 -3.18
CA ILE A 113 11.11 -7.65 -2.37
C ILE A 113 12.01 -8.13 -1.22
N ALA A 114 11.58 -9.17 -0.51
CA ALA A 114 12.36 -9.65 0.64
C ALA A 114 13.77 -10.14 0.24
N SER A 115 13.96 -10.52 -1.02
CA SER A 115 15.26 -11.04 -1.44
C SER A 115 16.35 -9.96 -1.49
N TRP A 116 15.98 -8.68 -1.62
CA TRP A 116 16.98 -7.60 -1.77
C TRP A 116 16.79 -6.41 -0.79
N ALA A 117 15.62 -6.28 -0.17
CA ALA A 117 15.35 -5.12 0.71
C ALA A 117 15.73 -5.42 2.16
N ASP A 118 16.71 -4.70 2.70
CA ASP A 118 17.02 -4.81 4.14
C ASP A 118 15.81 -4.40 4.97
N LEU A 119 15.15 -3.33 4.55
CA LEU A 119 14.00 -2.78 5.24
C LEU A 119 12.82 -2.60 4.30
N VAL A 120 11.64 -2.82 4.86
CA VAL A 120 10.36 -2.41 4.27
C VAL A 120 9.56 -1.64 5.28
N ASN A 121 8.46 -1.04 4.84
CA ASN A 121 7.53 -0.41 5.74
C ASN A 121 6.12 -0.91 5.55
N ALA A 122 5.30 -0.65 6.57
CA ALA A 122 3.93 -1.10 6.60
C ALA A 122 3.06 -0.06 7.29
N HIS A 123 1.84 0.09 6.75
CA HIS A 123 0.80 0.82 7.46
C HIS A 123 0.20 -0.10 8.52
N VAL A 124 -0.25 0.54 9.60
CA VAL A 124 -0.79 -0.20 10.76
C VAL A 124 -2.31 -0.35 10.73
N VAL A 125 -2.95 0.30 9.77
CA VAL A 125 -4.39 0.29 9.65
C VAL A 125 -5.04 -1.11 9.62
N PRO A 126 -4.38 -2.16 9.07
CA PRO A 126 -5.07 -3.47 9.13
C PRO A 126 -5.07 -4.16 10.48
N GLY A 127 -4.34 -3.60 11.44
CA GLY A 127 -4.10 -4.30 12.69
C GLY A 127 -2.83 -5.12 12.59
N SER A 128 -2.46 -5.76 13.70
CA SER A 128 -1.15 -6.36 13.84
C SER A 128 -0.91 -7.56 12.94
N GLY A 129 -1.96 -8.12 12.36
CA GLY A 129 -1.80 -9.16 11.34
C GLY A 129 -0.91 -8.76 10.17
N VAL A 130 -0.88 -7.48 9.83
CA VAL A 130 0.01 -7.04 8.75
C VAL A 130 1.47 -7.32 9.13
N VAL A 131 1.82 -7.07 10.40
CA VAL A 131 3.18 -7.31 10.87
C VAL A 131 3.44 -8.81 11.01
N LYS A 132 2.48 -9.55 11.54
CA LYS A 132 2.66 -10.99 11.71
CA LYS A 132 2.67 -10.99 11.70
C LYS A 132 2.85 -11.68 10.35
N GLY A 133 2.12 -11.24 9.35
CA GLY A 133 2.28 -11.79 8.01
C GLY A 133 3.64 -11.50 7.42
N LEU A 134 4.07 -10.25 7.52
CA LEU A 134 5.37 -9.88 6.98
C LEU A 134 6.47 -10.63 7.71
N GLN A 135 6.33 -10.79 9.03
CA GLN A 135 7.33 -11.47 9.85
C GLN A 135 7.61 -12.88 9.40
N GLU A 136 6.58 -13.56 8.92
CA GLU A 136 6.73 -14.95 8.52
C GLU A 136 7.73 -15.09 7.38
N VAL A 137 7.84 -14.05 6.56
CA VAL A 137 8.84 -13.99 5.51
C VAL A 137 10.11 -13.30 6.00
N GLY A 138 9.96 -12.20 6.72
CA GLY A 138 11.07 -11.34 7.06
C GLY A 138 12.02 -11.89 8.11
N LEU A 139 11.48 -12.60 9.09
CA LEU A 139 12.32 -13.14 10.16
C LEU A 139 13.30 -14.19 9.62
N PRO A 140 12.81 -15.18 8.85
CA PRO A 140 13.78 -16.12 8.27
C PRO A 140 14.81 -15.47 7.34
N LEU A 141 14.43 -14.36 6.70
CA LEU A 141 15.35 -13.67 5.79
C LEU A 141 16.15 -12.55 6.49
N HIS A 142 16.04 -12.47 7.83
CA HIS A 142 16.93 -11.61 8.63
C HIS A 142 16.71 -10.11 8.35
N ARG A 143 15.46 -9.79 8.02
CA ARG A 143 15.05 -8.44 7.62
C ARG A 143 14.44 -7.65 8.75
N GLY A 144 14.25 -6.36 8.49
CA GLY A 144 13.55 -5.48 9.40
C GLY A 144 12.42 -4.69 8.73
N CYS A 145 11.55 -4.14 9.57
CA CYS A 145 10.38 -3.40 9.14
C CYS A 145 10.19 -2.09 9.91
N LEU A 146 9.68 -1.08 9.20
CA LEU A 146 9.34 0.21 9.78
C LEU A 146 7.82 0.37 9.71
N LEU A 147 7.23 0.84 10.82
CA LEU A 147 5.79 1.10 10.87
C LEU A 147 5.50 2.57 10.63
N ILE A 148 4.47 2.86 9.85
CA ILE A 148 4.15 4.24 9.48
C ILE A 148 3.24 4.82 10.59
N ALA A 149 3.84 5.58 11.48
CA ALA A 149 3.18 6.15 12.65
C ALA A 149 2.56 7.51 12.36
N GLU A 150 3.18 8.27 11.47
CA GLU A 150 2.68 9.58 11.03
C GLU A 150 3.05 9.71 9.56
N MET A 151 2.29 10.53 8.84
CA MET A 151 2.59 10.84 7.43
C MET A 151 2.79 12.34 7.29
N SER A 152 3.51 12.72 6.24
CA SER A 152 3.88 14.12 5.99
C SER A 152 2.86 14.93 5.22
N SER A 153 1.84 14.25 4.70
CA SER A 153 0.93 14.84 3.75
C SER A 153 -0.28 15.51 4.42
N THR A 154 -0.82 16.48 3.72
CA THR A 154 -1.94 17.26 4.26
CA THR A 154 -1.96 17.27 4.21
C THR A 154 -3.19 16.38 4.40
N GLY A 155 -3.79 16.41 5.58
CA GLY A 155 -4.97 15.61 5.85
C GLY A 155 -4.70 14.21 6.36
N SER A 156 -3.42 13.90 6.62
CA SER A 156 -3.03 12.63 7.19
C SER A 156 -3.93 12.27 8.36
N LEU A 157 -4.36 11.00 8.38
CA LEU A 157 -5.14 10.48 9.47
C LEU A 157 -4.29 9.72 10.47
N ALA A 158 -2.97 9.75 10.26
CA ALA A 158 -2.04 9.02 11.14
C ALA A 158 -1.65 9.93 12.29
N THR A 159 -2.61 10.15 13.18
CA THR A 159 -2.46 11.10 14.28
C THR A 159 -3.05 10.48 15.54
N GLY A 160 -2.80 11.13 16.68
CA GLY A 160 -3.45 10.73 17.92
C GLY A 160 -3.39 9.24 18.24
N ASP A 161 -4.56 8.64 18.46
CA ASP A 161 -4.66 7.23 18.84
C ASP A 161 -4.06 6.29 17.79
N TYR A 162 -4.13 6.70 16.51
CA TYR A 162 -3.57 5.91 15.41
C TYR A 162 -2.05 5.80 15.57
N THR A 163 -1.41 6.94 15.81
CA THR A 163 0.03 6.98 16.06
C THR A 163 0.42 6.14 17.28
N ARG A 164 -0.37 6.28 18.36
CA ARG A 164 -0.14 5.49 19.56
C ARG A 164 -0.27 3.99 19.29
N ALA A 165 -1.22 3.60 18.45
CA ALA A 165 -1.38 2.20 18.07
C ALA A 165 -0.17 1.67 17.30
N ALA A 166 0.41 2.52 16.44
CA ALA A 166 1.59 2.12 15.67
C ALA A 166 2.78 1.88 16.59
N VAL A 167 2.93 2.76 17.58
CA VAL A 167 4.01 2.60 18.54
C VAL A 167 3.86 1.31 19.37
N ARG A 168 2.65 1.04 19.84
CA ARG A 168 2.39 -0.18 20.59
CA ARG A 168 2.38 -0.18 20.59
C ARG A 168 2.67 -1.40 19.73
N MET A 169 2.22 -1.36 18.47
CA MET A 169 2.43 -2.48 17.56
C MET A 169 3.92 -2.73 17.33
N ALA A 170 4.70 -1.67 17.18
CA ALA A 170 6.14 -1.79 17.01
C ALA A 170 6.78 -2.43 18.23
N GLU A 171 6.41 -1.91 19.40
CA GLU A 171 7.09 -2.31 20.61
CA GLU A 171 6.96 -2.33 20.71
C GLU A 171 6.75 -3.80 20.94
N GLU A 172 5.61 -4.28 20.48
CA GLU A 172 5.19 -5.68 20.64
C GLU A 172 5.68 -6.64 19.55
N HIS A 173 6.35 -6.10 18.53
CA HIS A 173 6.95 -6.93 17.46
C HIS A 173 8.38 -6.53 17.21
N SER A 174 9.10 -6.34 18.31
CA SER A 174 10.46 -5.83 18.28
C SER A 174 11.48 -6.80 17.66
N GLU A 175 11.10 -8.06 17.45
CA GLU A 175 12.00 -8.99 16.75
C GLU A 175 12.09 -8.71 15.24
N PHE A 176 11.17 -7.90 14.74
CA PHE A 176 11.09 -7.57 13.31
C PHE A 176 11.00 -6.07 13.05
N VAL A 177 10.23 -5.36 13.87
CA VAL A 177 10.03 -3.95 13.67
C VAL A 177 11.15 -3.17 14.36
N VAL A 178 11.82 -2.34 13.58
CA VAL A 178 13.03 -1.64 14.03
C VAL A 178 12.84 -0.13 14.16
N GLY A 179 11.66 0.36 13.83
CA GLY A 179 11.43 1.78 13.91
C GLY A 179 10.19 2.20 13.15
N PHE A 180 10.17 3.50 12.84
CA PHE A 180 9.02 4.19 12.35
C PHE A 180 9.34 5.10 11.20
N ILE A 181 8.34 5.25 10.35
CA ILE A 181 8.21 6.46 9.53
C ILE A 181 7.33 7.42 10.37
N SER A 182 7.87 8.60 10.66
CA SER A 182 7.17 9.55 11.52
C SER A 182 7.72 10.94 11.27
N GLY A 183 7.00 11.95 11.76
CA GLY A 183 7.42 13.34 11.59
C GLY A 183 8.29 13.81 12.75
N SER A 184 8.25 13.03 13.81
CA SER A 184 8.98 13.34 15.03
CA SER A 184 8.95 13.35 15.06
C SER A 184 9.26 12.05 15.79
N ARG A 185 9.98 12.17 16.90
CA ARG A 185 10.13 11.07 17.83
C ARG A 185 8.74 10.72 18.36
N VAL A 186 8.35 9.46 18.23
CA VAL A 186 7.07 8.95 18.70
C VAL A 186 7.24 7.86 19.76
N SER A 187 8.38 7.18 19.78
CA SER A 187 8.73 6.21 20.84
C SER A 187 9.83 6.77 21.74
N MET A 188 9.70 6.48 23.03
CA MET A 188 10.74 6.85 23.98
C MET A 188 11.83 5.79 24.11
N LYS A 189 11.68 4.66 23.42
CA LYS A 189 12.65 3.56 23.53
C LYS A 189 13.76 3.78 22.49
N PRO A 190 15.03 3.91 22.92
CA PRO A 190 16.09 4.29 21.98
C PRO A 190 16.49 3.21 20.97
N GLU A 191 15.97 2.01 21.14
CA GLU A 191 16.25 0.92 20.21
C GLU A 191 15.50 1.09 18.89
N PHE A 192 14.51 1.98 18.87
CA PHE A 192 13.75 2.23 17.67
C PHE A 192 14.26 3.43 16.88
N LEU A 193 14.35 3.26 15.57
CA LEU A 193 14.72 4.31 14.64
CA LEU A 193 14.74 4.34 14.69
C LEU A 193 13.53 5.18 14.27
N HIS A 194 13.76 6.47 14.06
CA HIS A 194 12.75 7.38 13.55
C HIS A 194 13.25 7.95 12.23
N LEU A 195 12.51 7.67 11.16
CA LEU A 195 12.86 8.20 9.83
C LEU A 195 11.76 9.15 9.38
N THR A 196 12.18 10.33 8.93
CA THR A 196 11.25 11.38 8.59
C THR A 196 11.36 11.85 7.13
N PRO A 197 10.28 11.63 6.35
CA PRO A 197 10.15 12.21 5.02
C PRO A 197 9.44 13.57 5.10
N GLY A 198 9.22 14.21 3.96
CA GLY A 198 8.72 15.57 3.94
C GLY A 198 9.79 16.58 4.39
N VAL A 199 10.98 16.44 3.81
CA VAL A 199 12.14 17.25 4.19
C VAL A 199 12.76 17.99 2.99
N GLN A 200 12.90 19.30 3.14
CA GLN A 200 13.64 20.15 2.22
C GLN A 200 14.28 21.29 3.02
N LEU A 201 15.32 21.89 2.48
CA LEU A 201 15.94 23.03 3.16
C LEU A 201 15.02 24.24 3.18
N GLU A 202 14.30 24.48 2.08
CA GLU A 202 13.40 25.62 1.94
C GLU A 202 11.97 25.25 2.29
N ALA A 203 11.22 26.21 2.81
CA ALA A 203 9.81 26.04 3.08
C ALA A 203 9.05 25.73 1.80
N GLY A 204 8.00 24.93 1.93
CA GLY A 204 7.08 24.70 0.82
C GLY A 204 6.43 23.33 0.88
N GLY A 205 5.99 22.88 -0.30
CA GLY A 205 5.28 21.64 -0.45
C GLY A 205 5.23 21.28 -1.91
N ASP A 206 4.35 20.35 -2.27
CA ASP A 206 4.02 20.13 -3.67
C ASP A 206 2.53 20.38 -3.89
N ASN A 207 2.07 20.10 -5.10
CA ASN A 207 0.68 20.41 -5.46
C ASN A 207 -0.27 19.24 -5.21
N LEU A 208 0.21 18.21 -4.54
CA LEU A 208 -0.55 17.01 -4.23
C LEU A 208 -0.37 16.63 -2.76
N GLY A 209 -0.30 17.64 -1.90
CA GLY A 209 -0.39 17.44 -0.45
C GLY A 209 0.90 17.21 0.32
N GLN A 210 2.04 17.15 -0.37
CA GLN A 210 3.31 17.01 0.34
C GLN A 210 3.59 18.32 1.06
N GLN A 211 4.17 18.21 2.25
CA GLN A 211 4.55 19.34 3.09
C GLN A 211 5.98 19.14 3.54
N TYR A 212 6.76 20.20 3.47
CA TYR A 212 8.16 20.12 3.85
C TYR A 212 8.50 20.85 5.15
N ASN A 213 9.43 20.23 5.88
CA ASN A 213 10.11 20.84 7.02
C ASN A 213 11.59 20.64 6.85
N SER A 214 12.40 21.46 7.51
CA SER A 214 13.84 21.41 7.34
C SER A 214 14.51 20.32 8.17
N PRO A 215 15.74 19.94 7.80
CA PRO A 215 16.47 18.99 8.62
C PRO A 215 16.66 19.42 10.08
N GLN A 216 16.95 20.70 10.28
CA GLN A 216 17.12 21.23 11.63
C GLN A 216 15.83 21.06 12.43
N GLU A 217 14.69 21.35 11.81
CA GLU A 217 13.42 21.19 12.51
C GLU A 217 13.15 19.75 12.89
N VAL A 218 13.31 18.84 11.92
CA VAL A 218 12.91 17.43 12.06
CA VAL A 218 12.84 17.46 12.18
C VAL A 218 13.83 16.63 13.00
N ILE A 219 15.13 16.85 12.82
CA ILE A 219 16.15 16.16 13.60
C ILE A 219 16.39 16.89 14.93
N GLY A 220 16.60 18.19 14.86
CA GLY A 220 16.96 18.97 16.02
C GLY A 220 15.80 19.20 16.97
N LYS A 221 14.71 19.76 16.47
CA LYS A 221 13.58 20.12 17.33
C LYS A 221 12.62 18.95 17.55
N ARG A 222 12.36 18.15 16.53
CA ARG A 222 11.36 17.08 16.63
C ARG A 222 11.94 15.72 17.02
N GLY A 223 13.26 15.67 17.13
CA GLY A 223 13.93 14.52 17.69
C GLY A 223 14.02 13.27 16.84
N SER A 224 13.82 13.39 15.53
CA SER A 224 13.93 12.24 14.63
CA SER A 224 13.92 12.24 14.62
C SER A 224 15.39 11.87 14.39
N ASP A 225 15.63 10.70 13.80
CA ASP A 225 16.99 10.20 13.61
C ASP A 225 17.53 10.44 12.21
N ILE A 226 16.67 10.20 11.20
CA ILE A 226 17.09 10.16 9.80
C ILE A 226 16.14 10.98 8.99
N ILE A 227 16.67 11.75 8.03
CA ILE A 227 15.81 12.45 7.07
C ILE A 227 15.75 11.67 5.76
N ILE A 228 14.57 11.62 5.16
CA ILE A 228 14.34 10.98 3.87
C ILE A 228 14.07 12.11 2.90
N VAL A 229 14.90 12.23 1.86
CA VAL A 229 14.83 13.34 0.92
C VAL A 229 14.83 12.83 -0.49
N GLY A 230 13.80 13.22 -1.24
CA GLY A 230 13.67 12.87 -2.66
C GLY A 230 13.96 14.06 -3.54
N ARG A 231 12.92 14.79 -3.93
CA ARG A 231 13.06 15.91 -4.87
C ARG A 231 14.06 16.99 -4.49
N GLY A 232 14.23 17.25 -3.20
CA GLY A 232 15.21 18.21 -2.74
C GLY A 232 16.60 17.90 -3.25
N ILE A 233 16.87 16.61 -3.43
CA ILE A 233 18.09 16.15 -4.05
C ILE A 233 17.91 15.87 -5.54
N ILE A 234 16.92 15.05 -5.90
CA ILE A 234 16.85 14.47 -7.25
C ILE A 234 16.62 15.55 -8.32
N SER A 235 15.87 16.58 -8.00
CA SER A 235 15.55 17.64 -8.96
C SER A 235 16.66 18.69 -9.07
N ALA A 236 17.61 18.65 -8.14
CA ALA A 236 18.76 19.55 -8.17
C ALA A 236 19.68 19.24 -9.35
N ALA A 237 20.38 20.25 -9.88
CA ALA A 237 21.30 19.96 -10.97
C ALA A 237 22.41 19.04 -10.51
N ASP A 238 23.08 19.40 -9.41
CA ASP A 238 24.14 18.59 -8.85
C ASP A 238 23.59 17.80 -7.66
N ARG A 239 23.24 16.55 -7.91
CA ARG A 239 22.66 15.69 -6.86
C ARG A 239 23.68 15.35 -5.78
N LEU A 240 24.96 15.27 -6.12
CA LEU A 240 25.98 15.01 -5.12
C LEU A 240 26.09 16.16 -4.12
N GLU A 241 26.22 17.38 -4.61
CA GLU A 241 26.29 18.55 -3.74
C GLU A 241 25.02 18.69 -2.90
N ALA A 242 23.87 18.42 -3.51
CA ALA A 242 22.63 18.50 -2.78
C ALA A 242 22.62 17.48 -1.65
N ALA A 243 23.00 16.25 -1.94
CA ALA A 243 23.05 15.20 -0.91
C ALA A 243 23.97 15.62 0.23
N GLU A 244 25.14 16.19 -0.11
CA GLU A 244 26.08 16.67 0.91
C GLU A 244 25.48 17.78 1.78
N MET A 245 24.74 18.70 1.18
CA MET A 245 24.08 19.74 1.95
CA MET A 245 24.06 19.74 1.94
C MET A 245 23.09 19.13 2.95
N TYR A 246 22.28 18.18 2.48
CA TYR A 246 21.31 17.50 3.34
C TYR A 246 22.00 16.69 4.44
N ARG A 247 23.07 15.97 4.08
CA ARG A 247 23.80 15.20 5.06
C ARG A 247 24.37 16.08 6.18
N LYS A 248 25.05 17.14 5.79
CA LYS A 248 25.66 18.07 6.76
C LYS A 248 24.59 18.69 7.65
N ALA A 249 23.46 19.06 7.05
CA ALA A 249 22.36 19.62 7.83
C ALA A 249 21.86 18.62 8.89
N ALA A 250 21.54 17.41 8.47
CA ALA A 250 20.97 16.42 9.37
C ALA A 250 21.97 16.01 10.44
N TRP A 251 23.23 15.92 10.06
CA TRP A 251 24.25 15.43 10.97
C TRP A 251 24.51 16.46 12.07
N GLU A 252 24.63 17.73 11.70
CA GLU A 252 24.86 18.79 12.68
C GLU A 252 23.67 18.93 13.60
N ALA A 253 22.46 18.77 13.07
CA ALA A 253 21.28 18.87 13.92
C ALA A 253 21.29 17.74 14.95
N TYR A 254 21.70 16.55 14.53
CA TYR A 254 21.85 15.40 15.44
C TYR A 254 22.88 15.70 16.53
N LEU A 255 24.03 16.21 16.14
CA LEU A 255 25.11 16.45 17.10
C LEU A 255 24.71 17.47 18.13
N SER A 256 24.00 18.50 17.69
CA SER A 256 23.63 19.61 18.54
C SER A 256 22.61 19.17 19.58
N ARG A 257 21.68 18.33 19.16
CA ARG A 257 20.70 17.75 20.07
C ARG A 257 21.40 16.83 21.08
N LEU A 258 22.50 16.22 20.64
CA LEU A 258 23.26 15.28 21.47
C LEU A 258 24.14 16.01 22.49
N GLY A 259 24.47 17.27 22.23
CA GLY A 259 25.22 18.09 23.18
C GLY A 259 26.71 17.82 23.18
N GLU B 4 -35.11 1.79 -1.09
CA GLU B 4 -34.05 0.90 -1.65
C GLU B 4 -34.30 0.66 -3.14
N LEU B 5 -33.35 1.08 -3.96
CA LEU B 5 -33.40 0.87 -5.41
C LEU B 5 -32.64 -0.39 -5.82
N SER B 6 -33.12 -1.05 -6.86
CA SER B 6 -32.42 -2.17 -7.45
C SER B 6 -31.10 -1.69 -8.05
N PHE B 7 -30.23 -2.65 -8.32
CA PHE B 7 -28.96 -2.36 -8.98
C PHE B 7 -29.22 -1.66 -10.33
N GLY B 8 -30.23 -2.14 -11.06
CA GLY B 8 -30.54 -1.58 -12.36
C GLY B 8 -31.00 -0.13 -12.33
N ALA B 9 -31.79 0.21 -11.30
CA ALA B 9 -32.21 1.60 -11.10
C ALA B 9 -31.04 2.45 -10.63
N ARG B 10 -30.18 1.88 -9.78
CA ARG B 10 -29.04 2.65 -9.28
C ARG B 10 -28.12 3.00 -10.44
N ALA B 11 -28.06 2.12 -11.44
CA ALA B 11 -27.24 2.35 -12.62
C ALA B 11 -27.65 3.59 -13.39
N GLU B 12 -28.89 4.04 -13.19
CA GLU B 12 -29.40 5.22 -13.90
C GLU B 12 -29.40 6.48 -13.04
N LEU B 13 -28.91 6.42 -11.80
CA LEU B 13 -28.98 7.61 -10.93
C LEU B 13 -28.23 8.81 -11.55
N PRO B 14 -28.74 10.04 -11.34
CA PRO B 14 -28.13 11.23 -11.92
C PRO B 14 -26.64 11.38 -11.72
N ARG B 15 -26.17 11.08 -10.51
CA ARG B 15 -24.76 11.29 -10.14
CA ARG B 15 -24.78 11.28 -10.10
C ARG B 15 -23.91 10.03 -10.26
N ILE B 16 -24.45 8.98 -10.88
CA ILE B 16 -23.71 7.73 -11.03
C ILE B 16 -22.47 7.91 -11.90
N HIS B 17 -21.38 7.27 -11.48
CA HIS B 17 -20.18 7.24 -12.28
C HIS B 17 -20.32 6.21 -13.41
N PRO B 18 -19.79 6.50 -14.60
CA PRO B 18 -19.95 5.54 -15.70
C PRO B 18 -19.45 4.11 -15.40
N VAL B 19 -18.36 3.98 -14.67
CA VAL B 19 -17.85 2.66 -14.31
C VAL B 19 -18.82 1.94 -13.36
N ALA B 20 -19.35 2.69 -12.37
CA ALA B 20 -20.36 2.16 -11.46
C ALA B 20 -21.61 1.72 -12.23
N SER B 21 -22.02 2.52 -13.20
CA SER B 21 -23.21 2.20 -13.98
C SER B 21 -23.03 0.92 -14.78
N LYS B 22 -21.89 0.79 -15.44
CA LYS B 22 -21.56 -0.42 -16.18
C LYS B 22 -21.62 -1.66 -15.28
N LEU B 23 -21.01 -1.55 -14.11
CA LEU B 23 -21.02 -2.63 -13.14
C LEU B 23 -22.44 -2.98 -12.68
N LEU B 24 -23.20 -1.96 -12.30
CA LEU B 24 -24.54 -2.21 -11.80
C LEU B 24 -25.43 -2.86 -12.86
N ARG B 25 -25.28 -2.43 -14.12
CA ARG B 25 -26.06 -3.01 -15.21
C ARG B 25 -25.74 -4.49 -15.41
N LEU B 26 -24.46 -4.85 -15.38
CA LEU B 26 -24.10 -6.25 -15.59
C LEU B 26 -24.43 -7.10 -14.37
N MET B 27 -24.42 -6.52 -13.17
CA MET B 27 -24.89 -7.23 -11.97
C MET B 27 -26.36 -7.64 -12.14
N GLN B 28 -27.17 -6.68 -12.55
CA GLN B 28 -28.59 -6.92 -12.76
CA GLN B 28 -28.59 -6.96 -12.72
C GLN B 28 -28.82 -7.96 -13.86
N LYS B 29 -28.11 -7.78 -14.97
CA LYS B 29 -28.30 -8.65 -16.13
C LYS B 29 -27.97 -10.10 -15.80
N LYS B 30 -26.87 -10.30 -15.11
CA LYS B 30 -26.32 -11.63 -14.84
C LYS B 30 -26.75 -12.23 -13.50
N GLU B 31 -27.47 -11.45 -12.69
CA GLU B 31 -27.87 -11.85 -11.33
C GLU B 31 -26.66 -12.29 -10.52
N THR B 32 -25.66 -11.43 -10.50
CA THR B 32 -24.49 -11.64 -9.66
C THR B 32 -23.97 -10.38 -9.02
N ASN B 33 -23.75 -10.49 -7.72
CA ASN B 33 -23.06 -9.47 -6.92
C ASN B 33 -21.87 -10.10 -6.19
N LEU B 34 -21.23 -11.04 -6.90
CA LEU B 34 -20.04 -11.73 -6.43
C LEU B 34 -18.79 -11.21 -7.14
N CYS B 35 -17.80 -10.80 -6.36
CA CYS B 35 -16.46 -10.49 -6.84
C CYS B 35 -15.49 -11.61 -6.44
N LEU B 36 -14.92 -12.27 -7.43
CA LEU B 36 -13.89 -13.29 -7.20
C LEU B 36 -12.59 -12.61 -6.82
N SER B 37 -12.01 -12.99 -5.67
CA SER B 37 -10.65 -12.58 -5.32
C SER B 37 -9.72 -13.68 -5.81
N ALA B 38 -9.12 -13.44 -6.97
CA ALA B 38 -8.34 -14.44 -7.67
C ALA B 38 -6.93 -14.46 -7.14
N ASP B 39 -6.79 -14.95 -5.91
CA ASP B 39 -5.54 -14.87 -5.20
C ASP B 39 -4.68 -16.08 -5.50
N VAL B 40 -4.09 -16.04 -6.68
CA VAL B 40 -3.26 -17.10 -7.22
C VAL B 40 -1.93 -16.54 -7.72
N SER B 41 -0.94 -17.41 -7.87
CA SER B 41 0.40 -16.99 -8.27
C SER B 41 0.74 -17.32 -9.73
N LEU B 42 -0.10 -18.09 -10.41
CA LEU B 42 0.14 -18.51 -11.79
C LEU B 42 -0.84 -17.89 -12.74
N ALA B 43 -0.33 -17.29 -13.81
CA ALA B 43 -1.16 -16.67 -14.82
C ALA B 43 -2.16 -17.68 -15.39
N ARG B 44 -1.72 -18.92 -15.62
CA ARG B 44 -2.62 -19.88 -16.27
C ARG B 44 -3.82 -20.17 -15.36
N GLU B 45 -3.58 -20.24 -14.07
CA GLU B 45 -4.68 -20.47 -13.12
C GLU B 45 -5.60 -19.25 -13.04
N LEU B 46 -5.03 -18.07 -13.03
CA LEU B 46 -5.82 -16.84 -13.09
C LEU B 46 -6.78 -16.84 -14.28
N LEU B 47 -6.23 -17.12 -15.47
CA LEU B 47 -7.02 -17.05 -16.69
C LEU B 47 -8.05 -18.16 -16.75
N GLN B 48 -7.67 -19.37 -16.31
CA GLN B 48 -8.63 -20.47 -16.29
C GLN B 48 -9.81 -20.20 -15.33
N LEU B 49 -9.51 -19.61 -14.16
CA LEU B 49 -10.56 -19.19 -13.22
C LEU B 49 -11.44 -18.10 -13.85
N ALA B 50 -10.82 -17.10 -14.46
CA ALA B 50 -11.55 -16.01 -15.07
C ALA B 50 -12.52 -16.51 -16.15
N ASP B 51 -12.06 -17.47 -16.95
CA ASP B 51 -12.88 -17.99 -18.03
C ASP B 51 -14.04 -18.81 -17.46
N ALA B 52 -13.72 -19.75 -16.57
CA ALA B 52 -14.76 -20.66 -16.04
C ALA B 52 -15.77 -19.94 -15.14
N LEU B 53 -15.29 -19.00 -14.35
CA LEU B 53 -16.13 -18.36 -13.35
C LEU B 53 -16.69 -17.03 -13.86
N GLY B 54 -16.22 -16.54 -14.99
CA GLY B 54 -16.66 -15.27 -15.52
C GLY B 54 -18.16 -15.08 -15.57
N PRO B 55 -18.93 -16.09 -16.04
CA PRO B 55 -20.38 -15.96 -16.06
C PRO B 55 -21.03 -15.79 -14.69
N SER B 56 -20.34 -16.20 -13.63
CA SER B 56 -20.88 -16.19 -12.27
C SER B 56 -20.54 -14.92 -11.47
N ILE B 57 -19.70 -14.04 -12.01
CA ILE B 57 -19.13 -12.95 -11.23
C ILE B 57 -19.41 -11.62 -11.89
N CYS B 58 -19.46 -10.57 -11.07
CA CYS B 58 -19.58 -9.22 -11.62
C CYS B 58 -18.21 -8.56 -11.72
N MET B 59 -17.20 -9.16 -11.11
CA MET B 59 -15.92 -8.52 -10.93
C MET B 59 -14.89 -9.58 -10.59
N LEU B 60 -13.66 -9.37 -11.06
CA LEU B 60 -12.53 -10.21 -10.74
C LEU B 60 -11.49 -9.29 -10.13
N LYS B 61 -11.13 -9.57 -8.88
CA LYS B 61 -10.14 -8.79 -8.18
C LYS B 61 -8.79 -9.49 -8.23
N THR B 62 -7.78 -8.73 -8.62
CA THR B 62 -6.43 -9.19 -8.74
C THR B 62 -5.49 -8.64 -7.66
N HIS B 63 -4.43 -9.40 -7.36
CA HIS B 63 -3.24 -8.85 -6.73
C HIS B 63 -2.12 -9.14 -7.71
N VAL B 64 -1.92 -8.25 -8.67
CA VAL B 64 -0.94 -8.43 -9.76
CA VAL B 64 -0.96 -8.62 -9.72
C VAL B 64 0.47 -8.70 -9.19
N ASP B 65 0.78 -8.08 -8.05
CA ASP B 65 2.11 -8.20 -7.49
C ASP B 65 2.43 -9.54 -6.81
N ILE B 66 1.49 -10.49 -6.84
CA ILE B 66 1.74 -11.84 -6.37
CA ILE B 66 1.79 -11.84 -6.39
C ILE B 66 1.81 -12.83 -7.55
N LEU B 67 1.54 -12.36 -8.77
CA LEU B 67 1.63 -13.20 -9.97
CA LEU B 67 1.61 -13.21 -9.97
C LEU B 67 3.08 -13.44 -10.34
N ASN B 68 3.52 -14.68 -10.24
CA ASN B 68 4.92 -14.99 -10.53
C ASN B 68 5.34 -14.76 -11.96
N ASP B 69 4.38 -14.90 -12.85
CA ASP B 69 4.63 -14.77 -14.29
C ASP B 69 3.75 -13.67 -14.93
N PHE B 70 3.56 -12.57 -14.20
CA PHE B 70 2.94 -11.40 -14.76
C PHE B 70 3.60 -10.93 -16.04
N THR B 71 2.78 -10.62 -17.04
CA THR B 71 3.19 -9.77 -18.17
C THR B 71 1.97 -8.98 -18.56
N LEU B 72 2.18 -7.93 -19.33
CA LEU B 72 1.07 -7.13 -19.82
C LEU B 72 0.20 -7.94 -20.78
N ASP B 73 0.78 -8.92 -21.47
CA ASP B 73 0.00 -9.80 -22.33
C ASP B 73 -0.97 -10.67 -21.54
N VAL B 74 -0.58 -11.10 -20.34
CA VAL B 74 -1.55 -11.77 -19.46
C VAL B 74 -2.77 -10.89 -19.19
N MET B 75 -2.53 -9.61 -18.93
CA MET B 75 -3.63 -8.71 -18.63
CA MET B 75 -3.61 -8.66 -18.65
C MET B 75 -4.50 -8.48 -19.87
N LYS B 76 -3.89 -8.50 -21.06
CA LYS B 76 -4.64 -8.40 -22.30
C LYS B 76 -5.61 -9.57 -22.42
N GLU B 77 -5.13 -10.77 -22.11
CA GLU B 77 -5.97 -11.96 -22.13
CA GLU B 77 -5.97 -11.98 -22.12
C GLU B 77 -7.08 -11.88 -21.09
N LEU B 78 -6.77 -11.33 -19.91
CA LEU B 78 -7.80 -11.16 -18.86
C LEU B 78 -8.89 -10.17 -19.33
N ILE B 79 -8.48 -9.09 -19.98
CA ILE B 79 -9.46 -8.14 -20.54
C ILE B 79 -10.38 -8.81 -21.56
N THR B 80 -9.81 -9.64 -22.42
CA THR B 80 -10.62 -10.38 -23.39
C THR B 80 -11.71 -11.18 -22.67
N LEU B 81 -11.31 -11.86 -21.60
CA LEU B 81 -12.28 -12.64 -20.82
C LEU B 81 -13.33 -11.77 -20.12
N ALA B 82 -12.88 -10.64 -19.60
CA ALA B 82 -13.76 -9.69 -18.94
C ALA B 82 -14.80 -9.15 -19.91
N LYS B 83 -14.39 -8.87 -21.15
CA LYS B 83 -15.32 -8.39 -22.15
C LYS B 83 -16.28 -9.49 -22.59
N CYS B 84 -15.77 -10.71 -22.75
CA CYS B 84 -16.57 -11.84 -23.19
C CYS B 84 -17.66 -12.16 -22.17
N HIS B 85 -17.25 -12.31 -20.91
CA HIS B 85 -18.16 -12.75 -19.87
C HIS B 85 -18.85 -11.61 -19.14
N GLU B 86 -18.38 -10.39 -19.37
CA GLU B 86 -18.95 -9.18 -18.78
C GLU B 86 -18.71 -9.13 -17.27
N PHE B 87 -17.46 -8.80 -16.93
CA PHE B 87 -17.12 -8.46 -15.54
C PHE B 87 -16.06 -7.38 -15.54
N LEU B 88 -15.96 -6.64 -14.45
CA LEU B 88 -14.91 -5.65 -14.31
C LEU B 88 -13.66 -6.25 -13.68
N ILE B 89 -12.54 -5.60 -13.93
CA ILE B 89 -11.25 -5.96 -13.35
C ILE B 89 -10.88 -4.91 -12.30
N PHE B 90 -10.66 -5.39 -11.08
CA PHE B 90 -10.33 -4.57 -9.93
C PHE B 90 -8.96 -5.00 -9.39
N GLU B 91 -7.97 -4.14 -9.52
CA GLU B 91 -6.67 -4.40 -8.94
C GLU B 91 -6.61 -3.87 -7.52
N ASP B 92 -6.39 -4.79 -6.58
CA ASP B 92 -6.44 -4.51 -5.14
C ASP B 92 -5.05 -4.09 -4.68
N ARG B 93 -4.63 -2.93 -5.18
CA ARG B 93 -3.30 -2.39 -4.92
C ARG B 93 -3.18 -1.63 -3.60
N LYS B 94 -4.30 -1.13 -3.09
CA LYS B 94 -4.32 -0.38 -1.81
C LYS B 94 -3.29 0.74 -1.83
N PHE B 95 -3.39 1.60 -2.84
CA PHE B 95 -2.53 2.76 -2.89
C PHE B 95 -2.63 3.50 -1.55
N ALA B 96 -1.50 3.99 -1.04
CA ALA B 96 -1.46 4.46 0.34
C ALA B 96 -0.29 5.37 0.63
N ASP B 97 0.12 6.11 -0.39
CA ASP B 97 1.29 6.98 -0.34
C ASP B 97 0.84 8.40 -0.63
N ILE B 98 1.79 9.33 -0.60
CA ILE B 98 1.50 10.70 -0.98
C ILE B 98 1.06 10.76 -2.45
N GLY B 99 0.30 11.78 -2.79
CA GLY B 99 -0.27 11.92 -4.12
C GLY B 99 0.74 11.83 -5.26
N ASN B 100 1.89 12.48 -5.09
CA ASN B 100 2.88 12.51 -6.16
C ASN B 100 3.43 11.11 -6.45
N THR B 101 3.55 10.29 -5.43
CA THR B 101 4.03 8.92 -5.59
C THR B 101 2.98 7.99 -6.20
N VAL B 102 1.75 8.02 -5.70
CA VAL B 102 0.76 7.08 -6.17
C VAL B 102 0.44 7.28 -7.65
N LYS B 103 0.55 8.50 -8.16
CA LYS B 103 0.23 8.69 -9.56
CA LYS B 103 0.26 8.73 -9.56
C LYS B 103 1.17 7.86 -10.45
N LYS B 104 2.44 7.77 -10.07
CA LYS B 104 3.41 6.98 -10.80
CA LYS B 104 3.41 6.97 -10.81
C LYS B 104 3.19 5.48 -10.59
N GLN B 105 2.85 5.08 -9.37
CA GLN B 105 2.58 3.68 -9.07
C GLN B 105 1.35 3.16 -9.79
N TYR B 106 0.44 4.07 -10.11
CA TYR B 106 -0.80 3.70 -10.80
C TYR B 106 -0.59 3.63 -12.33
N GLU B 107 0.13 4.60 -12.89
CA GLU B 107 0.30 4.69 -14.33
CA GLU B 107 0.30 4.69 -14.33
C GLU B 107 1.46 3.86 -14.86
N GLY B 108 2.54 3.79 -14.08
CA GLY B 108 3.81 3.36 -14.61
C GLY B 108 4.35 2.06 -14.09
N GLY B 109 5.67 2.01 -13.99
CA GLY B 109 6.34 0.79 -13.62
C GLY B 109 6.08 -0.36 -14.57
N ILE B 110 6.36 -1.55 -14.09
CA ILE B 110 6.18 -2.78 -14.88
CA ILE B 110 6.17 -2.72 -14.94
C ILE B 110 4.69 -3.10 -15.06
N PHE B 111 3.88 -2.80 -14.04
CA PHE B 111 2.50 -3.28 -14.08
C PHE B 111 1.56 -2.42 -14.89
N LYS B 112 1.84 -1.13 -15.03
CA LYS B 112 0.96 -0.21 -15.75
C LYS B 112 -0.51 -0.44 -15.40
N ILE B 113 -0.80 -0.38 -14.11
CA ILE B 113 -2.10 -0.81 -13.63
C ILE B 113 -3.27 -0.07 -14.29
N ALA B 114 -3.15 1.22 -14.49
CA ALA B 114 -4.26 2.02 -15.02
C ALA B 114 -4.61 1.60 -16.44
N SER B 115 -3.67 0.98 -17.15
CA SER B 115 -3.94 0.57 -18.53
C SER B 115 -4.91 -0.58 -18.64
N TRP B 116 -5.06 -1.39 -17.58
CA TRP B 116 -5.95 -2.56 -17.64
C TRP B 116 -6.97 -2.69 -16.52
N ALA B 117 -6.82 -1.95 -15.42
CA ALA B 117 -7.72 -2.09 -14.27
C ALA B 117 -8.86 -1.08 -14.38
N ASP B 118 -10.10 -1.59 -14.45
CA ASP B 118 -11.28 -0.70 -14.40
C ASP B 118 -11.33 0.05 -13.05
N LEU B 119 -11.04 -0.69 -11.99
CA LEU B 119 -11.13 -0.21 -10.61
C LEU B 119 -9.81 -0.49 -9.92
N VAL B 120 -9.42 0.43 -9.04
CA VAL B 120 -8.39 0.21 -8.03
C VAL B 120 -8.93 0.67 -6.70
N ASN B 121 -8.19 0.41 -5.63
CA ASN B 121 -8.57 0.94 -4.32
C ASN B 121 -7.43 1.70 -3.69
N ALA B 122 -7.78 2.46 -2.64
CA ALA B 122 -6.83 3.30 -1.95
C ALA B 122 -7.19 3.40 -0.47
N HIS B 123 -6.17 3.45 0.37
CA HIS B 123 -6.32 3.81 1.78
C HIS B 123 -6.42 5.33 1.89
N VAL B 124 -7.15 5.80 2.90
CA VAL B 124 -7.37 7.22 3.06
C VAL B 124 -6.41 7.86 4.07
N VAL B 125 -5.59 7.05 4.73
CA VAL B 125 -4.67 7.53 5.74
C VAL B 125 -3.73 8.69 5.29
N PRO B 126 -3.34 8.79 4.00
CA PRO B 126 -2.47 9.93 3.65
C PRO B 126 -3.17 11.27 3.57
N GLY B 127 -4.51 11.27 3.68
CA GLY B 127 -5.27 12.46 3.35
C GLY B 127 -5.66 12.46 1.88
N SER B 128 -6.44 13.45 1.47
CA SER B 128 -7.10 13.42 0.16
C SER B 128 -6.13 13.53 -1.03
N GLY B 129 -4.88 13.91 -0.79
CA GLY B 129 -3.87 13.90 -1.83
C GLY B 129 -3.70 12.54 -2.49
N VAL B 130 -3.94 11.46 -1.77
CA VAL B 130 -3.86 10.13 -2.38
C VAL B 130 -4.89 9.99 -3.52
N VAL B 131 -6.08 10.52 -3.32
CA VAL B 131 -7.12 10.47 -4.34
C VAL B 131 -6.83 11.45 -5.46
N LYS B 132 -6.37 12.65 -5.12
CA LYS B 132 -6.04 13.65 -6.14
CA LYS B 132 -6.04 13.65 -6.14
C LYS B 132 -4.93 13.14 -7.04
N GLY B 133 -3.93 12.48 -6.45
CA GLY B 133 -2.85 11.89 -7.27
C GLY B 133 -3.37 10.82 -8.20
N LEU B 134 -4.14 9.89 -7.66
CA LEU B 134 -4.69 8.83 -8.50
C LEU B 134 -5.60 9.37 -9.61
N GLN B 135 -6.41 10.36 -9.27
CA GLN B 135 -7.37 10.84 -10.26
CA GLN B 135 -7.35 10.98 -10.21
C GLN B 135 -6.67 11.54 -11.42
N GLU B 136 -5.49 12.10 -11.20
CA GLU B 136 -4.72 12.72 -12.31
C GLU B 136 -4.47 11.73 -13.43
N VAL B 137 -4.32 10.47 -13.07
CA VAL B 137 -4.13 9.39 -14.02
C VAL B 137 -5.47 8.74 -14.39
N GLY B 138 -6.30 8.51 -13.40
CA GLY B 138 -7.51 7.74 -13.60
C GLY B 138 -8.62 8.46 -14.32
N LEU B 139 -8.78 9.75 -14.08
CA LEU B 139 -9.83 10.49 -14.77
C LEU B 139 -9.62 10.47 -16.30
N PRO B 140 -8.44 10.83 -16.78
CA PRO B 140 -8.25 10.76 -18.24
C PRO B 140 -8.43 9.34 -18.81
N LEU B 141 -8.13 8.32 -18.02
CA LEU B 141 -8.31 6.94 -18.47
C LEU B 141 -9.68 6.35 -18.13
N HIS B 142 -10.61 7.20 -17.67
CA HIS B 142 -12.02 6.81 -17.47
C HIS B 142 -12.17 5.68 -16.45
N ARG B 143 -11.31 5.70 -15.46
CA ARG B 143 -11.26 4.67 -14.43
C ARG B 143 -12.04 5.11 -13.19
N GLY B 144 -12.25 4.16 -12.30
CA GLY B 144 -12.86 4.40 -11.00
C GLY B 144 -12.00 3.91 -9.86
N CYS B 145 -12.33 4.38 -8.66
CA CYS B 145 -11.59 4.03 -7.46
C CYS B 145 -12.51 3.73 -6.29
N LEU B 146 -12.08 2.82 -5.43
CA LEU B 146 -12.75 2.46 -4.20
C LEU B 146 -11.90 2.91 -3.01
N LEU B 147 -12.50 3.54 -2.01
CA LEU B 147 -11.77 3.93 -0.80
C LEU B 147 -12.03 2.94 0.31
N ILE B 148 -10.96 2.60 1.03
CA ILE B 148 -11.03 1.61 2.08
C ILE B 148 -11.49 2.29 3.37
N ALA B 149 -12.76 2.11 3.66
CA ALA B 149 -13.44 2.77 4.80
C ALA B 149 -13.39 1.90 6.06
N GLU B 150 -13.35 0.60 5.86
CA GLU B 150 -13.27 -0.40 6.92
C GLU B 150 -12.45 -1.58 6.41
N MET B 151 -11.81 -2.31 7.33
CA MET B 151 -11.12 -3.54 6.99
C MET B 151 -11.67 -4.71 7.80
N SER B 152 -11.48 -5.91 7.25
CA SER B 152 -12.05 -7.12 7.83
C SER B 152 -11.20 -7.73 8.93
N SER B 153 -9.98 -7.24 9.11
CA SER B 153 -8.98 -7.92 9.90
C SER B 153 -8.98 -7.49 11.37
N THR B 154 -8.52 -8.40 12.22
CA THR B 154 -8.52 -8.15 13.65
C THR B 154 -7.57 -7.00 13.98
N GLY B 155 -8.07 -6.07 14.77
CA GLY B 155 -7.29 -4.90 15.14
C GLY B 155 -7.34 -3.74 14.16
N SER B 156 -8.13 -3.86 13.09
CA SER B 156 -8.28 -2.77 12.15
C SER B 156 -8.50 -1.43 12.83
N LEU B 157 -7.78 -0.40 12.34
CA LEU B 157 -7.91 0.96 12.83
C LEU B 157 -8.83 1.78 11.93
N ALA B 158 -9.41 1.14 10.92
CA ALA B 158 -10.33 1.84 10.02
C ALA B 158 -11.74 1.79 10.61
N THR B 159 -11.92 2.59 11.67
CA THR B 159 -13.14 2.63 12.46
C THR B 159 -13.46 4.07 12.84
N GLY B 160 -14.68 4.29 13.30
CA GLY B 160 -15.06 5.59 13.81
C GLY B 160 -14.76 6.79 12.91
N ASP B 161 -13.99 7.74 13.43
CA ASP B 161 -13.71 8.96 12.67
C ASP B 161 -12.92 8.68 11.38
N TYR B 162 -12.13 7.61 11.37
CA TYR B 162 -11.36 7.21 10.19
C TYR B 162 -12.35 6.84 9.09
N THR B 163 -13.32 5.99 9.41
CA THR B 163 -14.34 5.59 8.44
C THR B 163 -15.11 6.81 7.95
N ARG B 164 -15.46 7.70 8.87
CA ARG B 164 -16.20 8.90 8.47
C ARG B 164 -15.38 9.77 7.51
N ALA B 165 -14.07 9.85 7.76
CA ALA B 165 -13.18 10.59 6.86
C ALA B 165 -13.13 9.96 5.45
N ALA B 166 -13.14 8.62 5.37
CA ALA B 166 -13.17 7.93 4.08
C ALA B 166 -14.44 8.30 3.31
N VAL B 167 -15.57 8.34 4.02
CA VAL B 167 -16.83 8.65 3.37
C VAL B 167 -16.84 10.07 2.84
N ARG B 168 -16.37 11.01 3.66
CA ARG B 168 -16.30 12.41 3.20
C ARG B 168 -15.37 12.55 1.99
N MET B 169 -14.24 11.88 2.04
CA MET B 169 -13.30 11.94 0.93
C MET B 169 -13.90 11.39 -0.37
N ALA B 170 -14.67 10.30 -0.26
CA ALA B 170 -15.35 9.74 -1.42
C ALA B 170 -16.34 10.72 -2.00
N GLU B 171 -17.16 11.26 -1.10
CA GLU B 171 -18.25 12.14 -1.50
C GLU B 171 -17.70 13.41 -2.15
N GLU B 172 -16.48 13.81 -1.77
CA GLU B 172 -15.83 15.00 -2.32
C GLU B 172 -14.99 14.75 -3.59
N HIS B 173 -14.88 13.48 -3.97
CA HIS B 173 -14.17 13.11 -5.20
C HIS B 173 -15.02 12.16 -6.05
N SER B 174 -16.30 12.48 -6.20
CA SER B 174 -17.25 11.58 -6.83
C SER B 174 -17.07 11.43 -8.34
N GLU B 175 -16.25 12.29 -8.93
CA GLU B 175 -15.90 12.13 -10.35
CA GLU B 175 -15.86 12.15 -10.34
C GLU B 175 -15.00 10.91 -10.58
N PHE B 176 -14.39 10.41 -9.51
CA PHE B 176 -13.45 9.29 -9.64
C PHE B 176 -13.74 8.16 -8.65
N VAL B 177 -14.13 8.50 -7.43
CA VAL B 177 -14.41 7.50 -6.41
C VAL B 177 -15.84 7.01 -6.60
N VAL B 178 -15.99 5.70 -6.74
CA VAL B 178 -17.28 5.08 -7.05
C VAL B 178 -17.83 4.25 -5.90
N GLY B 179 -17.07 4.14 -4.83
CA GLY B 179 -17.51 3.35 -3.70
C GLY B 179 -16.42 3.03 -2.72
N PHE B 180 -16.71 2.01 -1.92
CA PHE B 180 -15.93 1.66 -0.76
C PHE B 180 -15.61 0.19 -0.69
N ILE B 181 -14.48 -0.11 -0.08
CA ILE B 181 -14.27 -1.37 0.61
C ILE B 181 -14.69 -1.11 2.04
N SER B 182 -15.66 -1.91 2.49
CA SER B 182 -16.19 -1.75 3.84
C SER B 182 -16.86 -3.04 4.30
N GLY B 183 -17.20 -3.11 5.58
CA GLY B 183 -17.83 -4.30 6.15
C GLY B 183 -19.33 -4.20 6.12
N SER B 184 -19.81 -2.98 5.88
CA SER B 184 -21.22 -2.65 5.88
CA SER B 184 -21.23 -2.62 5.92
C SER B 184 -21.46 -1.42 5.03
N ARG B 185 -22.72 -1.07 4.84
CA ARG B 185 -23.05 0.20 4.23
C ARG B 185 -22.48 1.32 5.11
N VAL B 186 -21.69 2.22 4.52
CA VAL B 186 -21.10 3.34 5.25
C VAL B 186 -21.55 4.70 4.72
N SER B 187 -22.06 4.73 3.49
CA SER B 187 -22.64 5.94 2.90
C SER B 187 -24.11 5.70 2.64
N MET B 188 -24.91 6.75 2.85
CA MET B 188 -26.33 6.68 2.60
C MET B 188 -26.71 7.08 1.19
N LYS B 189 -25.70 7.45 0.39
CA LYS B 189 -25.90 7.86 -0.98
C LYS B 189 -25.85 6.63 -1.91
N PRO B 190 -26.95 6.35 -2.63
CA PRO B 190 -27.06 5.09 -3.37
C PRO B 190 -26.17 5.03 -4.62
N GLU B 191 -25.57 6.15 -4.99
CA GLU B 191 -24.64 6.17 -6.13
C GLU B 191 -23.29 5.49 -5.82
N PHE B 192 -23.00 5.23 -4.55
CA PHE B 192 -21.74 4.57 -4.15
CA PHE B 192 -21.74 4.58 -4.19
C PHE B 192 -21.95 3.08 -3.97
N LEU B 193 -20.98 2.31 -4.45
CA LEU B 193 -20.96 0.88 -4.22
C LEU B 193 -20.28 0.52 -2.92
N HIS B 194 -20.79 -0.51 -2.26
CA HIS B 194 -20.14 -1.13 -1.10
C HIS B 194 -19.71 -2.55 -1.41
N LEU B 195 -18.40 -2.80 -1.32
CA LEU B 195 -17.80 -4.11 -1.57
C LEU B 195 -17.18 -4.61 -0.29
N THR B 196 -17.51 -5.84 0.10
CA THR B 196 -17.16 -6.38 1.39
C THR B 196 -16.38 -7.67 1.26
N PRO B 197 -15.11 -7.65 1.69
CA PRO B 197 -14.30 -8.84 1.81
C PRO B 197 -14.46 -9.44 3.22
N GLY B 198 -13.74 -10.50 3.50
CA GLY B 198 -13.94 -11.23 4.76
C GLY B 198 -15.26 -11.99 4.72
N VAL B 199 -15.47 -12.76 3.63
CA VAL B 199 -16.73 -13.46 3.42
C VAL B 199 -16.49 -14.94 3.18
N GLN B 200 -17.16 -15.77 3.98
CA GLN B 200 -17.25 -17.20 3.78
C GLN B 200 -18.61 -17.69 4.25
N LEU B 201 -19.05 -18.83 3.75
CA LEU B 201 -20.32 -19.39 4.18
C LEU B 201 -20.26 -19.84 5.63
N GLU B 202 -19.15 -20.43 6.04
CA GLU B 202 -19.00 -20.95 7.38
C GLU B 202 -18.29 -19.93 8.28
N ALA B 203 -18.59 -20.00 9.58
CA ALA B 203 -17.90 -19.19 10.56
C ALA B 203 -16.41 -19.55 10.60
N GLY B 204 -15.58 -18.55 10.87
CA GLY B 204 -14.15 -18.76 11.07
C GLY B 204 -13.31 -17.56 10.68
N GLY B 205 -12.04 -17.82 10.45
CA GLY B 205 -11.05 -16.79 10.17
C GLY B 205 -9.84 -17.47 9.60
N ASP B 206 -8.72 -16.77 9.54
CA ASP B 206 -7.45 -17.42 9.25
C ASP B 206 -6.50 -17.18 10.42
N ASN B 207 -5.26 -17.63 10.29
CA ASN B 207 -4.27 -17.54 11.36
C ASN B 207 -3.50 -16.22 11.40
N LEU B 208 -3.89 -15.28 10.55
CA LEU B 208 -3.20 -14.01 10.41
C LEU B 208 -4.20 -12.85 10.38
N GLY B 209 -5.23 -12.96 11.21
CA GLY B 209 -6.13 -11.86 11.49
C GLY B 209 -7.36 -11.72 10.61
N GLN B 210 -7.55 -12.56 9.60
CA GLN B 210 -8.74 -12.44 8.77
C GLN B 210 -9.92 -12.97 9.57
N GLN B 211 -11.05 -12.28 9.41
CA GLN B 211 -12.30 -12.67 10.06
C GLN B 211 -13.37 -12.78 8.99
N TYR B 212 -14.20 -13.82 9.08
CA TYR B 212 -15.24 -14.08 8.09
C TYR B 212 -16.63 -13.86 8.63
N ASN B 213 -17.46 -13.32 7.76
CA ASN B 213 -18.90 -13.25 7.94
C ASN B 213 -19.59 -13.79 6.70
N SER B 214 -20.85 -14.16 6.82
CA SER B 214 -21.53 -14.82 5.71
C SER B 214 -22.11 -13.82 4.73
N PRO B 215 -22.39 -14.30 3.50
CA PRO B 215 -23.07 -13.40 2.57
C PRO B 215 -24.40 -12.84 3.08
N GLN B 216 -25.20 -13.69 3.72
CA GLN B 216 -26.46 -13.21 4.27
C GLN B 216 -26.23 -12.08 5.29
N GLU B 217 -25.25 -12.24 6.14
CA GLU B 217 -24.93 -11.20 7.15
C GLU B 217 -24.48 -9.89 6.47
N VAL B 218 -23.56 -9.98 5.53
CA VAL B 218 -22.90 -8.83 4.93
CA VAL B 218 -22.95 -8.74 5.02
C VAL B 218 -23.83 -8.05 3.98
N ILE B 219 -24.55 -8.79 3.16
CA ILE B 219 -25.44 -8.19 2.17
C ILE B 219 -26.80 -7.89 2.80
N GLY B 220 -27.37 -8.87 3.48
CA GLY B 220 -28.71 -8.79 4.03
C GLY B 220 -28.83 -7.89 5.22
N LYS B 221 -27.99 -8.12 6.24
CA LYS B 221 -28.08 -7.42 7.52
C LYS B 221 -27.24 -6.12 7.53
N ARG B 222 -26.07 -6.15 6.91
CA ARG B 222 -25.11 -5.04 6.98
C ARG B 222 -25.26 -4.10 5.79
N GLY B 223 -26.07 -4.49 4.82
CA GLY B 223 -26.47 -3.61 3.73
C GLY B 223 -25.43 -3.37 2.63
N SER B 224 -24.42 -4.22 2.53
CA SER B 224 -23.44 -4.06 1.47
CA SER B 224 -23.41 -4.10 1.47
C SER B 224 -23.96 -4.55 0.12
N ASP B 225 -23.24 -4.20 -0.96
CA ASP B 225 -23.71 -4.55 -2.32
C ASP B 225 -23.09 -5.80 -2.90
N ILE B 226 -21.80 -5.96 -2.69
CA ILE B 226 -21.02 -6.99 -3.36
C ILE B 226 -20.17 -7.72 -2.33
N ILE B 227 -20.09 -9.04 -2.45
CA ILE B 227 -19.19 -9.81 -1.65
C ILE B 227 -17.91 -10.09 -2.42
N ILE B 228 -16.79 -9.97 -1.72
CA ILE B 228 -15.47 -10.33 -2.24
C ILE B 228 -15.03 -11.62 -1.58
N VAL B 229 -14.82 -12.67 -2.37
CA VAL B 229 -14.48 -14.01 -1.84
C VAL B 229 -13.25 -14.59 -2.49
N GLY B 230 -12.23 -14.89 -1.67
CA GLY B 230 -11.01 -15.54 -2.15
C GLY B 230 -11.02 -17.02 -1.81
N ARG B 231 -10.41 -17.38 -0.69
CA ARG B 231 -10.17 -18.78 -0.32
C ARG B 231 -11.44 -19.64 -0.25
N GLY B 232 -12.57 -19.04 0.10
CA GLY B 232 -13.84 -19.76 0.11
C GLY B 232 -14.15 -20.41 -1.23
N ILE B 233 -13.72 -19.75 -2.29
CA ILE B 233 -13.81 -20.34 -3.63
C ILE B 233 -12.49 -21.01 -4.05
N ILE B 234 -11.38 -20.28 -3.95
CA ILE B 234 -10.12 -20.69 -4.60
C ILE B 234 -9.57 -22.00 -4.02
N SER B 235 -9.80 -22.26 -2.73
CA SER B 235 -9.25 -23.46 -2.09
C SER B 235 -10.17 -24.68 -2.25
N ALA B 236 -11.37 -24.46 -2.76
CA ALA B 236 -12.32 -25.54 -3.04
C ALA B 236 -11.85 -26.39 -4.22
N ALA B 237 -12.26 -27.66 -4.25
CA ALA B 237 -11.93 -28.52 -5.38
C ALA B 237 -12.59 -28.00 -6.65
N ASP B 238 -13.91 -27.82 -6.59
CA ASP B 238 -14.68 -27.32 -7.73
C ASP B 238 -14.98 -25.83 -7.51
N ARG B 239 -14.15 -24.98 -8.11
CA ARG B 239 -14.28 -23.54 -7.92
C ARG B 239 -15.52 -22.99 -8.59
N LEU B 240 -16.01 -23.63 -9.65
CA LEU B 240 -17.22 -23.14 -10.31
C LEU B 240 -18.45 -23.33 -9.42
N GLU B 241 -18.60 -24.52 -8.87
CA GLU B 241 -19.70 -24.78 -7.96
C GLU B 241 -19.61 -23.91 -6.72
N ALA B 242 -18.40 -23.72 -6.19
CA ALA B 242 -18.21 -22.82 -5.04
C ALA B 242 -18.66 -21.41 -5.40
N ALA B 243 -18.26 -20.91 -6.57
CA ALA B 243 -18.64 -19.56 -6.98
C ALA B 243 -20.16 -19.45 -7.09
N GLU B 244 -20.79 -20.48 -7.62
CA GLU B 244 -22.24 -20.48 -7.76
C GLU B 244 -22.94 -20.46 -6.40
N MET B 245 -22.39 -21.18 -5.43
CA MET B 245 -22.93 -21.13 -4.08
CA MET B 245 -22.92 -21.14 -4.06
C MET B 245 -22.87 -19.71 -3.51
N TYR B 246 -21.73 -19.05 -3.66
CA TYR B 246 -21.58 -17.68 -3.18
C TYR B 246 -22.45 -16.69 -3.94
N ARG B 247 -22.55 -16.88 -5.26
CA ARG B 247 -23.38 -16.02 -6.07
C ARG B 247 -24.84 -16.10 -5.62
N LYS B 248 -25.33 -17.31 -5.47
CA LYS B 248 -26.71 -17.51 -5.08
C LYS B 248 -26.99 -16.94 -3.71
N ALA B 249 -26.05 -17.13 -2.78
CA ALA B 249 -26.19 -16.58 -1.43
C ALA B 249 -26.26 -15.06 -1.47
N ALA B 250 -25.31 -14.42 -2.13
CA ALA B 250 -25.26 -12.97 -2.17
C ALA B 250 -26.46 -12.37 -2.92
N TRP B 251 -26.90 -13.04 -3.99
CA TRP B 251 -27.95 -12.49 -4.81
C TRP B 251 -29.28 -12.55 -4.06
N GLU B 252 -29.55 -13.67 -3.41
CA GLU B 252 -30.80 -13.80 -2.66
C GLU B 252 -30.84 -12.86 -1.46
N ALA B 253 -29.69 -12.64 -0.83
CA ALA B 253 -29.63 -11.70 0.31
C ALA B 253 -29.98 -10.30 -0.17
N TYR B 254 -29.50 -9.94 -1.35
CA TYR B 254 -29.80 -8.66 -1.98
C TYR B 254 -31.29 -8.53 -2.29
N LEU B 255 -31.84 -9.54 -2.94
CA LEU B 255 -33.27 -9.54 -3.28
C LEU B 255 -34.15 -9.35 -2.04
N SER B 256 -33.76 -9.99 -0.95
CA SER B 256 -34.55 -10.01 0.28
C SER B 256 -34.63 -8.63 0.92
N ARG B 257 -33.51 -7.94 0.85
CA ARG B 257 -33.36 -6.59 1.39
CA ARG B 257 -33.39 -6.59 1.41
C ARG B 257 -34.16 -5.61 0.54
N LEU B 258 -34.20 -5.90 -0.76
CA LEU B 258 -34.89 -5.07 -1.74
C LEU B 258 -36.40 -5.12 -1.55
N GLY B 259 -36.88 -6.24 -1.01
CA GLY B 259 -38.29 -6.42 -0.72
C GLY B 259 -39.07 -6.81 -1.97
O3P 6AU C . 11.19 14.44 -0.83
P 6AU C . 10.03 14.02 -1.69
O1P 6AU C . 8.77 14.76 -1.37
O2P 6AU C . 10.40 14.09 -3.15
O5' 6AU C . 9.84 12.45 -1.46
C5' 6AU C . 9.24 11.92 -0.29
C4' 6AU C . 9.35 10.39 -0.40
C3' 6AU C . 8.37 9.80 -1.40
C2' 6AU C . 7.19 9.42 -0.55
O2' 6AU C . 6.50 8.33 -1.15
C1' 6AU C . 7.83 9.08 0.79
O4' 6AU C . 9.08 9.78 0.87
N1 6AU C . 7.01 9.37 2.00
C6 6AU C . 6.65 8.33 2.92
C7 6AU C . 7.61 7.28 3.33
C72 6AU C . 9.05 7.47 3.13
O71 6AU C . 7.17 6.21 3.93
C5 6AU C . 5.66 8.62 3.91
C4 6AU C . 5.22 9.92 4.04
O4 6AU C . 4.43 10.24 4.95
N3 6AU C . 5.69 10.88 3.23
C2 6AU C . 6.53 10.65 2.22
O2 6AU C . 6.87 11.60 1.49
O3' 6AU C . 8.96 8.64 -2.05
C1 GOL D . 29.99 2.76 21.44
O1 GOL D . 30.85 3.41 22.38
C2 GOL D . 30.29 3.20 20.01
O2 GOL D . 29.91 4.57 19.83
C3 GOL D . 31.77 3.01 19.70
O3 GOL D . 32.04 3.31 18.32
O3P 6AU E . -11.52 -14.48 1.07
P 6AU E . -10.07 -14.34 1.45
O1P 6AU E . -9.84 -14.06 2.93
O2P 6AU E . -9.27 -15.49 0.89
O5' 6AU E . -9.52 -13.08 0.62
C5' 6AU E . -9.87 -11.75 0.97
C4' 6AU E . -9.29 -10.84 -0.11
C3' 6AU E . -7.77 -10.76 -0.06
C2' 6AU E . -7.53 -9.51 0.76
O2' 6AU E . -6.32 -8.85 0.39
C1' 6AU E . -8.72 -8.61 0.41
O4' 6AU E . -9.79 -9.49 0.01
N1 6AU E . -9.22 -7.75 1.50
C6 6AU E . -9.34 -6.34 1.32
C7 6AU E . -9.78 -5.67 0.07
C72 6AU E . -10.49 -6.45 -0.96
O71 6AU E . -9.55 -4.42 -0.11
C5 6AU E . -9.50 -5.50 2.47
C4 6AU E . -9.87 -6.11 3.64
O4 6AU E . -10.18 -5.40 4.62
N3 6AU E . -9.92 -7.44 3.75
C2 6AU E . -9.58 -8.28 2.75
O2 6AU E . -9.62 -9.51 2.93
O3' 6AU E . -7.18 -10.62 -1.37
#